data_7AUJ
#
_entry.id   7AUJ
#
_cell.length_a   61.893
_cell.length_b   61.893
_cell.length_c   96.513
_cell.angle_alpha   90.000
_cell.angle_beta   90.000
_cell.angle_gamma   120.000
#
_symmetry.space_group_name_H-M   'P 32 2 1'
#
loop_
_entity.id
_entity.type
_entity.pdbx_description
1 polymer 'Diphosphoinositol polyphosphate phosphohydrolase DDP1'
2 non-polymer '(1S,2R,3R,4S,5S,6R)-2,3,4,5,6-pentakis(phosphonooxy)cyclohexyl trihydrogen diphosphate'
3 non-polymer 'MAGNESIUM ION'
4 water water
#
_entity_poly.entity_id   1
_entity_poly.type   'polypeptide(L)'
_entity_poly.pdbx_seq_one_letter_code
;GGSMGKTADNHGPVRSETAREGRENQVYSPVTGARLVAGCICLTPDKKQVLMITSSAHKKRWIVPKGGVEKDEPNYETTA
QRQTWEEAGCIGKIVANLGTVEDMRPPKDWNKDIKQFENSRKDSEVAKHPPRTEFHFYELEIENLLDKFPECHKRHRKLY
SYTEAKQNLIDAKRPELLEALNRSAIIKDDK
;
_entity_poly.pdbx_strand_id   A
#
# COMPACT_ATOMS: atom_id res chain seq x y z
N ARG A 23 14.02 -12.74 4.16
CA ARG A 23 15.24 -12.55 5.02
C ARG A 23 14.81 -12.00 6.38
N GLU A 24 15.70 -12.07 7.37
CA GLU A 24 15.53 -11.40 8.69
C GLU A 24 16.23 -10.03 8.60
N ASN A 25 16.07 -9.37 7.45
CA ASN A 25 16.60 -8.02 7.11
C ASN A 25 15.47 -6.99 7.31
N GLN A 26 14.35 -7.42 7.89
CA GLN A 26 13.08 -6.65 7.99
C GLN A 26 13.15 -5.77 9.24
N VAL A 27 12.47 -4.62 9.23
CA VAL A 27 12.46 -3.65 10.36
C VAL A 27 11.07 -3.64 10.99
N TYR A 28 11.02 -3.60 12.33
CA TYR A 28 9.79 -3.71 13.16
C TYR A 28 9.70 -2.51 14.10
N SER A 29 8.47 -2.07 14.37
CA SER A 29 8.14 -1.04 15.40
C SER A 29 8.72 -1.49 16.73
N PRO A 30 9.59 -0.68 17.39
CA PRO A 30 10.11 -1.04 18.70
C PRO A 30 9.03 -1.06 19.80
N VAL A 31 7.89 -0.41 19.56
CA VAL A 31 6.76 -0.30 20.52
C VAL A 31 5.81 -1.49 20.36
N THR A 32 5.18 -1.62 19.19
CA THR A 32 4.07 -2.57 18.93
C THR A 32 4.60 -3.89 18.34
N GLY A 33 5.81 -3.89 17.79
CA GLY A 33 6.41 -5.04 17.09
C GLY A 33 5.80 -5.25 15.72
N ALA A 34 4.98 -4.30 15.24
CA ALA A 34 4.40 -4.30 13.88
C ALA A 34 5.54 -4.18 12.86
N ARG A 35 5.45 -4.93 11.77
N ARG A 35 5.42 -4.92 11.75
CA ARG A 35 6.42 -4.87 10.63
CA ARG A 35 6.37 -4.90 10.61
C ARG A 35 6.27 -3.51 9.97
C ARG A 35 6.27 -3.52 9.93
N LEU A 36 7.39 -2.83 9.73
CA LEU A 36 7.41 -1.49 9.09
C LEU A 36 7.45 -1.67 7.57
N VAL A 37 6.39 -1.20 6.90
CA VAL A 37 6.19 -1.31 5.42
C VAL A 37 5.98 0.11 4.88
N ALA A 38 6.53 0.39 3.70
CA ALA A 38 6.29 1.62 2.93
C ALA A 38 5.71 1.25 1.56
N GLY A 39 4.86 2.12 1.02
CA GLY A 39 4.28 1.96 -0.32
C GLY A 39 3.88 3.28 -0.93
N CYS A 40 3.34 3.20 -2.14
CA CYS A 40 2.98 4.36 -3.00
C CYS A 40 1.55 4.19 -3.50
N ILE A 41 0.77 5.26 -3.34
CA ILE A 41 -0.43 5.53 -4.17
C ILE A 41 0.08 6.26 -5.40
N CYS A 42 0.25 5.53 -6.50
CA CYS A 42 0.79 6.02 -7.79
C CYS A 42 -0.37 6.55 -8.64
N LEU A 43 -0.42 7.87 -8.87
CA LEU A 43 -1.52 8.52 -9.61
C LEU A 43 -1.02 9.02 -10.97
N THR A 44 -1.90 8.99 -11.97
CA THR A 44 -1.70 9.63 -13.29
C THR A 44 -1.60 11.14 -13.07
N PRO A 45 -0.89 11.88 -13.96
CA PRO A 45 -0.81 13.34 -13.85
C PRO A 45 -2.17 14.04 -13.70
N ASP A 46 -3.19 13.57 -14.43
CA ASP A 46 -4.57 14.12 -14.38
C ASP A 46 -5.28 13.70 -13.08
N LYS A 47 -4.70 12.73 -12.35
CA LYS A 47 -5.13 12.28 -11.00
C LYS A 47 -6.48 11.55 -11.07
N LYS A 48 -6.83 10.99 -12.24
CA LYS A 48 -8.12 10.29 -12.45
C LYS A 48 -7.97 8.79 -12.15
N GLN A 49 -6.74 8.25 -12.18
CA GLN A 49 -6.51 6.80 -11.99
C GLN A 49 -5.31 6.54 -11.07
N VAL A 50 -5.38 5.41 -10.36
CA VAL A 50 -4.31 4.89 -9.46
C VAL A 50 -3.79 3.59 -10.09
N LEU A 51 -2.50 3.31 -9.92
CA LEU A 51 -1.85 2.07 -10.42
C LEU A 51 -2.03 0.98 -9.37
N MET A 52 -2.54 -0.18 -9.78
CA MET A 52 -2.76 -1.35 -8.90
C MET A 52 -2.06 -2.57 -9.47
N ILE A 53 -1.58 -3.45 -8.59
CA ILE A 53 -0.87 -4.71 -8.92
C ILE A 53 -1.64 -5.84 -8.26
N THR A 54 -1.56 -7.05 -8.84
CA THR A 54 -2.09 -8.30 -8.22
C THR A 54 -1.13 -8.74 -7.11
N SER A 55 -1.67 -9.29 -6.03
CA SER A 55 -0.93 -9.98 -4.93
C SER A 55 -0.28 -11.24 -5.52
N SER A 56 0.86 -11.66 -4.96
CA SER A 56 1.60 -12.89 -5.40
C SER A 56 0.90 -14.13 -4.85
N ALA A 57 0.52 -14.12 -3.58
CA ALA A 57 -0.17 -15.24 -2.89
C ALA A 57 -1.60 -15.36 -3.41
N HIS A 58 -2.39 -14.29 -3.30
CA HIS A 58 -3.83 -14.23 -3.68
C HIS A 58 -3.94 -13.65 -5.10
N LYS A 59 -3.72 -14.51 -6.10
CA LYS A 59 -3.48 -14.15 -7.53
C LYS A 59 -4.53 -13.16 -8.05
N LYS A 60 -5.77 -13.26 -7.56
CA LYS A 60 -6.94 -12.50 -8.11
C LYS A 60 -7.14 -11.17 -7.35
N ARG A 61 -6.43 -10.95 -6.24
CA ARG A 61 -6.60 -9.76 -5.37
C ARG A 61 -5.71 -8.61 -5.88
N TRP A 62 -6.32 -7.44 -6.12
CA TRP A 62 -5.65 -6.20 -6.60
C TRP A 62 -5.33 -5.29 -5.41
N ILE A 63 -4.05 -4.94 -5.26
CA ILE A 63 -3.54 -4.07 -4.16
C ILE A 63 -2.69 -2.96 -4.78
N VAL A 64 -1.90 -2.26 -3.96
CA VAL A 64 -0.98 -1.17 -4.41
C VAL A 64 0.44 -1.63 -4.10
N PRO A 65 1.46 -1.02 -4.75
CA PRO A 65 2.85 -1.36 -4.49
C PRO A 65 3.29 -0.94 -3.07
N LYS A 66 3.98 -1.84 -2.37
CA LYS A 66 4.44 -1.67 -0.98
C LYS A 66 5.41 -2.80 -0.64
N GLY A 67 6.16 -2.66 0.45
CA GLY A 67 7.04 -3.72 0.95
C GLY A 67 7.78 -3.32 2.21
N GLY A 68 8.32 -4.32 2.91
CA GLY A 68 9.06 -4.16 4.17
C GLY A 68 10.25 -3.24 4.00
N VAL A 69 10.42 -2.31 4.94
CA VAL A 69 11.66 -1.49 5.05
C VAL A 69 12.80 -2.47 5.37
N GLU A 70 14.00 -2.21 4.85
CA GLU A 70 15.21 -3.03 5.14
C GLU A 70 16.17 -2.19 5.97
N LYS A 71 17.01 -2.86 6.77
CA LYS A 71 17.86 -2.27 7.84
C LYS A 71 18.77 -1.17 7.30
N ASP A 72 19.16 -1.25 6.02
CA ASP A 72 20.11 -0.29 5.37
C ASP A 72 19.39 1.02 5.03
N GLU A 73 18.07 0.98 4.80
CA GLU A 73 17.30 2.08 4.16
C GLU A 73 17.19 3.27 5.11
N PRO A 74 17.56 4.50 4.65
CA PRO A 74 17.59 5.68 5.52
C PRO A 74 16.22 6.34 5.77
N ASN A 75 15.22 6.07 4.93
CA ASN A 75 13.88 6.71 5.02
C ASN A 75 12.83 5.84 4.32
N TYR A 76 11.56 6.11 4.58
CA TYR A 76 10.41 5.36 4.03
C TYR A 76 10.30 5.63 2.52
N GLU A 77 10.70 6.81 2.06
CA GLU A 77 10.58 7.21 0.63
C GLU A 77 11.43 6.26 -0.22
N THR A 78 12.64 5.92 0.25
CA THR A 78 13.56 4.95 -0.40
C THR A 78 12.83 3.63 -0.60
N THR A 79 12.33 3.02 0.48
CA THR A 79 11.57 1.75 0.47
C THR A 79 10.41 1.85 -0.52
N ALA A 80 9.62 2.92 -0.43
CA ALA A 80 8.39 3.13 -1.22
C ALA A 80 8.73 3.12 -2.72
N GLN A 81 9.72 3.92 -3.14
CA GLN A 81 10.09 4.05 -4.58
C GLN A 81 10.75 2.75 -5.06
N ARG A 82 11.53 2.07 -4.21
CA ARG A 82 12.15 0.75 -4.55
C ARG A 82 11.06 -0.29 -4.83
N GLN A 83 10.02 -0.35 -4.00
CA GLN A 83 8.94 -1.37 -4.10
C GLN A 83 8.06 -1.08 -5.32
N THR A 84 7.88 0.20 -5.66
CA THR A 84 7.07 0.66 -6.80
C THR A 84 7.75 0.23 -8.10
N TRP A 85 9.09 0.30 -8.16
CA TRP A 85 9.87 -0.23 -9.31
C TRP A 85 9.77 -1.76 -9.34
N GLU A 86 10.16 -2.42 -8.25
CA GLU A 86 10.26 -3.91 -8.13
C GLU A 86 8.93 -4.55 -8.52
N GLU A 87 7.82 -4.09 -7.94
CA GLU A 87 6.48 -4.74 -7.99
C GLU A 87 5.66 -4.23 -9.19
N ALA A 88 5.91 -3.02 -9.69
CA ALA A 88 4.99 -2.35 -10.65
C ALA A 88 5.71 -1.74 -11.85
N GLY A 89 7.03 -1.83 -11.95
CA GLY A 89 7.81 -1.22 -13.04
C GLY A 89 7.41 0.23 -13.27
N CYS A 90 7.19 0.96 -12.18
CA CYS A 90 6.65 2.35 -12.19
C CYS A 90 7.73 3.28 -11.63
N ILE A 91 8.04 4.34 -12.38
CA ILE A 91 8.95 5.46 -11.98
C ILE A 91 8.09 6.72 -11.84
N GLY A 92 8.36 7.54 -10.84
CA GLY A 92 7.64 8.82 -10.63
C GLY A 92 8.26 9.65 -9.53
N LYS A 93 7.68 10.82 -9.27
CA LYS A 93 8.15 11.71 -8.19
C LYS A 93 7.12 11.70 -7.05
N ILE A 94 7.61 11.49 -5.82
CA ILE A 94 6.78 11.58 -4.58
C ILE A 94 6.32 13.03 -4.43
N VAL A 95 5.01 13.25 -4.42
N VAL A 95 5.01 13.25 -4.43
CA VAL A 95 4.37 14.60 -4.40
CA VAL A 95 4.38 14.60 -4.39
C VAL A 95 3.66 14.83 -3.06
C VAL A 95 3.75 14.86 -3.01
N ALA A 96 3.45 13.80 -2.24
CA ALA A 96 2.82 13.93 -0.90
C ALA A 96 3.14 12.75 0.00
N ASN A 97 3.26 13.05 1.30
CA ASN A 97 3.32 12.08 2.42
C ASN A 97 1.89 11.86 2.91
N LEU A 98 1.36 10.65 2.75
CA LEU A 98 -0.04 10.29 3.10
C LEU A 98 -0.12 9.77 4.54
N GLY A 99 0.98 9.83 5.30
CA GLY A 99 1.01 9.44 6.71
C GLY A 99 0.99 7.93 6.86
N THR A 100 0.49 7.43 7.98
CA THR A 100 0.50 5.98 8.33
C THR A 100 -0.93 5.43 8.41
N VAL A 101 -1.04 4.12 8.14
CA VAL A 101 -2.25 3.28 8.33
C VAL A 101 -1.77 1.92 8.87
N GLU A 102 -2.61 1.19 9.59
CA GLU A 102 -2.21 -0.10 10.21
C GLU A 102 -3.06 -1.23 9.62
N ASP A 103 -2.45 -2.38 9.32
CA ASP A 103 -3.17 -3.66 9.14
C ASP A 103 -3.56 -4.16 10.53
N MET A 104 -4.83 -4.04 10.90
CA MET A 104 -5.38 -4.45 12.22
C MET A 104 -6.05 -5.82 12.10
N ARG A 105 -5.27 -6.86 11.80
CA ARG A 105 -5.73 -8.27 11.70
C ARG A 105 -4.93 -9.14 12.66
N PRO A 106 -5.52 -10.24 13.20
CA PRO A 106 -4.79 -11.14 14.11
C PRO A 106 -4.03 -12.25 13.36
N GLN A 116 -13.50 -13.83 21.15
CA GLN A 116 -12.92 -13.28 19.89
C GLN A 116 -13.33 -11.81 19.70
N PHE A 117 -14.49 -11.40 20.24
CA PHE A 117 -15.05 -10.02 20.14
C PHE A 117 -15.30 -9.46 21.55
N GLU A 118 -15.41 -8.13 21.64
CA GLU A 118 -15.70 -7.38 22.90
C GLU A 118 -16.79 -6.34 22.60
N ASN A 119 -17.94 -6.47 23.26
CA ASN A 119 -19.16 -5.65 23.02
C ASN A 119 -19.31 -4.64 24.17
N SER A 120 -19.41 -3.34 23.84
CA SER A 120 -19.48 -2.20 24.79
C SER A 120 -20.93 -1.84 25.11
N ARG A 121 -21.89 -2.43 24.39
CA ARG A 121 -23.37 -2.31 24.56
C ARG A 121 -23.92 -1.11 23.78
N LYS A 122 -23.06 -0.33 23.12
CA LYS A 122 -23.45 0.71 22.13
C LYS A 122 -22.78 0.43 20.78
N ASP A 123 -21.90 -0.57 20.73
CA ASP A 123 -21.08 -0.94 19.54
C ASP A 123 -20.43 -2.30 19.81
N SER A 124 -19.79 -2.88 18.78
CA SER A 124 -19.00 -4.14 18.86
C SER A 124 -17.65 -3.94 18.18
N GLU A 125 -16.59 -4.53 18.75
CA GLU A 125 -15.20 -4.46 18.25
C GLU A 125 -14.56 -5.85 18.37
N VAL A 126 -13.49 -6.10 17.59
CA VAL A 126 -12.64 -7.32 17.68
C VAL A 126 -11.81 -7.23 18.97
N ALA A 127 -11.51 -8.36 19.60
CA ALA A 127 -10.70 -8.47 20.83
C ALA A 127 -9.33 -7.82 20.61
N LYS A 128 -8.88 -6.99 21.55
CA LYS A 128 -7.66 -6.13 21.44
C LYS A 128 -6.45 -7.00 21.07
N HIS A 129 -5.63 -6.51 20.14
CA HIS A 129 -4.40 -7.19 19.64
C HIS A 129 -3.44 -6.17 19.04
N PRO A 130 -2.12 -6.46 18.97
CA PRO A 130 -1.17 -5.55 18.35
C PRO A 130 -1.35 -5.52 16.84
N PRO A 131 -1.07 -4.39 16.15
CA PRO A 131 -1.16 -4.34 14.69
C PRO A 131 -0.18 -5.31 14.03
N ARG A 132 -0.56 -5.85 12.88
CA ARG A 132 0.27 -6.76 12.05
C ARG A 132 1.39 -5.96 11.39
N THR A 133 1.00 -4.90 10.68
CA THR A 133 1.88 -4.05 9.84
C THR A 133 1.56 -2.58 10.12
N GLU A 134 2.58 -1.73 10.10
CA GLU A 134 2.45 -0.24 10.11
C GLU A 134 2.93 0.24 8.73
N PHE A 135 2.02 0.81 7.93
CA PHE A 135 2.32 1.28 6.54
C PHE A 135 2.61 2.78 6.55
N HIS A 136 3.70 3.18 5.88
CA HIS A 136 4.05 4.58 5.55
C HIS A 136 3.85 4.79 4.05
N PHE A 137 2.77 5.49 3.68
CA PHE A 137 2.37 5.70 2.26
C PHE A 137 2.75 7.10 1.78
N TYR A 138 3.14 7.16 0.52
CA TYR A 138 3.42 8.38 -0.25
C TYR A 138 2.55 8.38 -1.51
N GLU A 139 2.11 9.56 -1.92
CA GLU A 139 1.51 9.79 -3.25
C GLU A 139 2.63 10.03 -4.24
N LEU A 140 2.61 9.28 -5.34
CA LEU A 140 3.58 9.40 -6.46
C LEU A 140 2.82 9.84 -7.70
N GLU A 141 3.37 10.79 -8.45
CA GLU A 141 2.90 11.15 -9.81
C GLU A 141 3.68 10.27 -10.81
N ILE A 142 2.98 9.36 -11.49
CA ILE A 142 3.61 8.42 -12.45
C ILE A 142 4.31 9.27 -13.53
N GLU A 143 5.60 9.01 -13.79
CA GLU A 143 6.38 9.62 -14.90
C GLU A 143 6.62 8.59 -16.01
N ASN A 144 6.78 7.30 -15.67
CA ASN A 144 6.99 6.24 -16.68
C ASN A 144 6.52 4.88 -16.15
N LEU A 145 5.95 4.07 -17.04
CA LEU A 145 5.64 2.63 -16.82
C LEU A 145 6.46 1.83 -17.83
N LEU A 146 7.32 0.94 -17.34
CA LEU A 146 8.23 0.10 -18.18
C LEU A 146 7.67 -1.32 -18.25
N ASP A 147 7.78 -1.96 -19.42
CA ASP A 147 7.21 -3.29 -19.69
C ASP A 147 8.04 -4.37 -18.96
N LYS A 148 9.34 -4.15 -18.78
CA LYS A 148 10.22 -5.09 -18.02
C LYS A 148 10.57 -4.49 -16.66
N PHE A 149 10.32 -5.26 -15.59
CA PHE A 149 10.68 -4.95 -14.18
C PHE A 149 10.79 -6.27 -13.41
N PRO A 150 11.42 -6.28 -12.22
CA PRO A 150 11.74 -7.54 -11.54
C PRO A 150 10.59 -8.57 -11.34
N GLU A 151 9.36 -8.11 -11.10
CA GLU A 151 8.22 -9.01 -10.77
C GLU A 151 7.18 -9.02 -11.90
N CYS A 152 7.57 -8.60 -13.11
CA CYS A 152 6.68 -8.41 -14.29
C CYS A 152 6.08 -9.74 -14.77
N HIS A 153 6.68 -10.88 -14.38
CA HIS A 153 6.21 -12.23 -14.76
C HIS A 153 5.37 -12.87 -13.65
N LYS A 154 5.38 -12.33 -12.43
CA LYS A 154 4.68 -12.94 -11.26
C LYS A 154 3.56 -12.01 -10.75
N ARG A 155 3.30 -10.89 -11.44
CA ARG A 155 2.21 -9.94 -11.10
C ARG A 155 1.65 -9.30 -12.38
N HIS A 156 0.36 -8.95 -12.34
CA HIS A 156 -0.30 -8.02 -13.29
C HIS A 156 -0.30 -6.62 -12.68
N ARG A 157 -0.58 -5.61 -13.50
CA ARG A 157 -0.47 -4.17 -13.15
C ARG A 157 -1.40 -3.37 -14.06
N LYS A 158 -2.23 -2.48 -13.51
CA LYS A 158 -3.22 -1.72 -14.32
C LYS A 158 -3.72 -0.48 -13.58
N LEU A 159 -4.04 0.56 -14.36
CA LEU A 159 -4.66 1.82 -13.87
C LEU A 159 -6.16 1.59 -13.62
N TYR A 160 -6.67 2.10 -12.52
CA TYR A 160 -8.11 2.03 -12.16
C TYR A 160 -8.61 3.42 -11.75
N SER A 161 -9.85 3.75 -12.13
CA SER A 161 -10.61 4.89 -11.59
C SER A 161 -10.79 4.69 -10.08
N TYR A 162 -11.17 5.73 -9.34
CA TYR A 162 -11.35 5.66 -7.86
C TYR A 162 -12.37 4.57 -7.52
N THR A 163 -13.54 4.58 -8.17
CA THR A 163 -14.67 3.66 -7.87
C THR A 163 -14.20 2.21 -8.01
N GLU A 164 -13.54 1.89 -9.13
CA GLU A 164 -12.98 0.54 -9.43
C GLU A 164 -11.94 0.17 -8.37
N ALA A 165 -10.98 1.07 -8.10
CA ALA A 165 -9.89 0.90 -7.12
C ALA A 165 -10.47 0.60 -5.73
N LYS A 166 -11.46 1.40 -5.31
CA LYS A 166 -12.14 1.25 -4.00
C LYS A 166 -12.72 -0.17 -3.91
N GLN A 167 -13.44 -0.61 -4.95
CA GLN A 167 -14.08 -1.95 -4.98
C GLN A 167 -13.02 -3.05 -4.93
N ASN A 168 -11.88 -2.85 -5.63
CA ASN A 168 -10.76 -3.82 -5.66
C ASN A 168 -10.22 -4.02 -4.23
N LEU A 169 -9.99 -2.92 -3.49
CA LEU A 169 -9.38 -2.97 -2.14
C LEU A 169 -10.35 -3.66 -1.16
N ILE A 170 -11.65 -3.37 -1.26
CA ILE A 170 -12.70 -4.09 -0.47
C ILE A 170 -12.65 -5.58 -0.85
N ASP A 171 -12.71 -5.89 -2.14
CA ASP A 171 -12.57 -7.27 -2.70
C ASP A 171 -11.31 -7.93 -2.15
N ALA A 172 -10.22 -7.17 -1.99
CA ALA A 172 -8.93 -7.67 -1.46
C ALA A 172 -8.98 -7.77 0.07
N LYS A 173 -9.99 -7.16 0.71
CA LYS A 173 -10.20 -7.12 2.17
C LYS A 173 -9.09 -6.29 2.82
N ARG A 174 -8.72 -5.16 2.22
CA ARG A 174 -7.60 -4.29 2.65
C ARG A 174 -8.11 -2.87 2.88
N PRO A 175 -8.96 -2.64 3.91
CA PRO A 175 -9.53 -1.33 4.16
C PRO A 175 -8.46 -0.26 4.45
N GLU A 176 -7.35 -0.66 5.08
CA GLU A 176 -6.22 0.24 5.44
C GLU A 176 -5.56 0.78 4.14
N LEU A 177 -5.53 0.01 3.06
CA LEU A 177 -4.97 0.50 1.78
C LEU A 177 -5.95 1.54 1.20
N LEU A 178 -7.27 1.24 1.33
CA LEU A 178 -8.35 2.18 0.88
C LEU A 178 -8.23 3.50 1.66
N GLU A 179 -7.95 3.44 2.96
CA GLU A 179 -7.75 4.65 3.81
C GLU A 179 -6.60 5.49 3.22
N ALA A 180 -5.52 4.82 2.82
CA ALA A 180 -4.33 5.48 2.22
C ALA A 180 -4.75 6.12 0.88
N LEU A 181 -5.47 5.35 0.04
CA LEU A 181 -6.00 5.83 -1.25
C LEU A 181 -6.85 7.09 -1.03
N ASN A 182 -7.68 7.09 0.02
CA ASN A 182 -8.66 8.18 0.31
C ASN A 182 -7.94 9.47 0.70
N ARG A 183 -6.74 9.40 1.29
CA ARG A 183 -5.93 10.58 1.70
C ARG A 183 -5.23 11.19 0.47
N SER A 184 -5.12 10.44 -0.62
CA SER A 184 -4.45 10.91 -1.87
C SER A 184 -5.31 11.97 -2.54
N ALA A 185 -4.80 12.56 -3.61
CA ALA A 185 -5.46 13.63 -4.40
C ALA A 185 -6.24 13.00 -5.57
N ILE A 186 -6.47 11.69 -5.55
CA ILE A 186 -7.24 10.96 -6.61
C ILE A 186 -8.63 11.60 -6.71
N ILE A 187 -9.06 11.90 -7.95
CA ILE A 187 -10.43 12.42 -8.22
C ILE A 187 -11.44 11.29 -7.98
N LYS A 188 -12.39 11.52 -7.07
CA LYS A 188 -13.39 10.51 -6.64
C LYS A 188 -14.71 10.74 -7.39
N ASP A 189 -14.99 11.97 -7.82
CA ASP A 189 -16.23 12.35 -8.55
C ASP A 189 -16.18 11.76 -9.96
#